data_3B87
#
_entry.id   3B87
#
_cell.length_a   42.662
_cell.length_b   45.702
_cell.length_c   114.523
_cell.angle_alpha   90.000
_cell.angle_beta   90.000
_cell.angle_gamma   90.000
#
_symmetry.space_group_name_H-M   'P 21 21 21'
#
loop_
_entity.id
_entity.type
_entity.pdbx_description
1 polymer 'General odorant-binding protein lush'
2 non-polymer 'ACETATE ION'
3 non-polymer 3,6,9,12,15,18,21-HEPTAOXATRICOSANE-1,23-DIOL
4 water water
#
_entity_poly.entity_id   1
_entity_poly.type   'polypeptide(L)'
_entity_poly.pdbx_seq_one_letter_code
;MTMEQFLTSLDMIRSGCAPKFKLKTEDLDRLRVGDFNFPPSQDLMCYTKCVSLMAGAVNKKGEFNAPKALAQLPHLVPPE
MMEMSRKSVEACRDTHKQFKESCERVYQTAKCFSENADGQFMWP
;
_entity_poly.pdbx_strand_id   A,B
#
loop_
_chem_comp.id
_chem_comp.type
_chem_comp.name
_chem_comp.formula
ACT non-polymer 'ACETATE ION' 'C2 H3 O2 -1'
PE8 non-polymer 3,6,9,12,15,18,21-HEPTAOXATRICOSANE-1,23-DIOL 'C16 H34 O9'
#
# COMPACT_ATOMS: atom_id res chain seq x y z
N MET A 1 -10.12 14.50 8.69
CA MET A 1 -10.00 14.43 7.21
C MET A 1 -10.69 13.19 6.67
N THR A 2 -10.91 13.15 5.36
CA THR A 2 -11.53 11.99 4.71
C THR A 2 -10.51 10.91 4.37
N MET A 3 -10.99 9.72 4.07
CA MET A 3 -10.12 8.63 3.65
C MET A 3 -9.28 9.00 2.41
N GLU A 4 -9.91 9.67 1.45
CA GLU A 4 -9.26 10.11 0.21
C GLU A 4 -8.11 11.08 0.51
N GLN A 5 -8.38 12.04 1.41
CA GLN A 5 -7.37 13.02 1.80
C GLN A 5 -6.22 12.37 2.56
N PHE A 6 -6.53 11.37 3.37
CA PHE A 6 -5.51 10.65 4.11
C PHE A 6 -4.55 9.90 3.18
N LEU A 7 -5.11 9.12 2.25
CA LEU A 7 -4.31 8.36 1.30
C LEU A 7 -3.40 9.28 0.49
N THR A 8 -3.94 10.44 0.10
CA THR A 8 -3.16 11.46 -0.59
C THR A 8 -2.06 12.04 0.31
N SER A 9 -2.38 12.27 1.59
CA SER A 9 -1.37 12.82 2.53
C SER A 9 -0.12 11.96 2.67
N LEU A 10 -0.28 10.64 2.54
CA LEU A 10 0.86 9.72 2.61
C LEU A 10 1.90 10.06 1.56
N ASP A 11 1.45 10.30 0.35
CA ASP A 11 2.36 10.67 -0.73
C ASP A 11 2.99 12.06 -0.54
N MET A 12 2.20 12.99 -0.01
CA MET A 12 2.69 14.35 0.33
C MET A 12 3.78 14.29 1.40
N ILE A 13 3.60 13.43 2.38
CA ILE A 13 4.57 13.31 3.47
C ILE A 13 5.87 12.69 2.98
N ARG A 14 5.77 11.61 2.21
CA ARG A 14 6.95 10.96 1.60
C ARG A 14 7.68 11.91 0.67
N SER A 15 6.91 12.66 -0.13
CA SER A 15 7.50 13.65 -1.03
C SER A 15 8.39 14.66 -0.29
N GLY A 16 8.00 15.03 0.93
CA GLY A 16 8.79 15.98 1.74
C GLY A 16 9.97 15.37 2.50
N CYS A 17 9.85 14.10 2.88
CA CYS A 17 10.89 13.46 3.70
C CYS A 17 11.92 12.65 2.91
N ALA A 18 11.48 11.92 1.88
CA ALA A 18 12.36 11.04 1.12
C ALA A 18 13.65 11.67 0.53
N PRO A 19 13.54 12.85 -0.13
CA PRO A 19 14.71 13.59 -0.64
C PRO A 19 15.90 13.79 0.33
N LYS A 20 15.67 13.72 1.64
CA LYS A 20 16.73 13.94 2.64
C LYS A 20 17.62 12.71 2.83
N PHE A 21 17.19 11.58 2.29
CA PHE A 21 17.85 10.30 2.55
C PHE A 21 18.12 9.56 1.25
N LYS A 22 19.02 8.60 1.29
CA LYS A 22 19.25 7.72 0.18
C LYS A 22 18.40 6.49 0.43
N LEU A 23 17.31 6.35 -0.35
CA LEU A 23 16.31 5.32 -0.09
C LEU A 23 15.99 4.54 -1.36
N LYS A 24 15.59 3.28 -1.20
CA LYS A 24 15.10 2.45 -2.31
C LYS A 24 13.58 2.45 -2.35
N THR A 25 13.03 2.61 -3.54
CA THR A 25 11.60 2.54 -3.80
C THR A 25 10.97 1.30 -3.18
N GLU A 26 11.63 0.16 -3.36
CA GLU A 26 11.12 -1.11 -2.87
C GLU A 26 11.09 -1.21 -1.33
N ASP A 27 11.92 -0.42 -0.64
CA ASP A 27 11.85 -0.36 0.84
C ASP A 27 10.71 0.55 1.29
N LEU A 28 10.60 1.73 0.70
CA LEU A 28 9.50 2.65 1.03
C LEU A 28 8.12 2.04 0.79
N ASP A 29 7.98 1.27 -0.29
CA ASP A 29 6.67 0.70 -0.67
C ASP A 29 6.24 -0.41 0.30
N ARG A 30 7.20 -1.20 0.79
CA ARG A 30 6.92 -2.14 1.88
C ARG A 30 6.50 -1.42 3.17
N LEU A 31 7.16 -0.31 3.50
CA LEU A 31 6.72 0.46 4.68
C LEU A 31 5.30 0.98 4.50
N ARG A 32 5.02 1.51 3.30
CA ARG A 32 3.70 2.01 2.94
C ARG A 32 2.58 1.04 3.28
N VAL A 33 2.79 -0.25 3.01
CA VAL A 33 1.74 -1.22 3.21
C VAL A 33 1.81 -1.94 4.57
N GLY A 34 2.72 -1.50 5.43
CA GLY A 34 2.82 -2.05 6.78
C GLY A 34 3.75 -3.24 6.90
N ASP A 35 4.49 -3.53 5.84
CA ASP A 35 5.48 -4.59 5.87
C ASP A 35 6.83 -4.08 6.40
N PHE A 36 6.99 -4.17 7.72
CA PHE A 36 8.26 -3.84 8.39
C PHE A 36 9.10 -5.10 8.62
N ASN A 37 8.88 -6.11 7.77
CA ASN A 37 9.50 -7.44 7.92
C ASN A 37 10.77 -7.68 7.09
N PHE A 38 11.63 -6.65 7.02
CA PHE A 38 12.88 -6.72 6.27
C PHE A 38 13.91 -5.79 6.92
N PRO A 39 15.21 -6.01 6.66
CA PRO A 39 16.27 -5.21 7.29
C PRO A 39 16.29 -3.77 6.82
N PRO A 40 16.13 -2.81 7.75
CA PRO A 40 16.20 -1.41 7.32
C PRO A 40 17.63 -0.92 7.21
N SER A 41 17.87 -0.01 6.27
CA SER A 41 19.11 0.76 6.25
C SER A 41 19.01 1.80 7.35
N GLN A 42 20.14 2.44 7.67
CA GLN A 42 20.12 3.58 8.57
C GLN A 42 19.26 4.73 7.99
N ASP A 43 19.41 5.00 6.70
CA ASP A 43 18.60 6.01 6.02
C ASP A 43 17.09 5.79 6.20
N LEU A 44 16.64 4.53 6.04
CA LEU A 44 15.23 4.20 6.17
C LEU A 44 14.72 4.39 7.59
N MET A 45 15.54 4.06 8.59
CA MET A 45 15.15 4.31 9.99
C MET A 45 15.01 5.80 10.30
N CYS A 46 15.97 6.61 9.84
CA CYS A 46 15.87 8.06 10.02
C CYS A 46 14.74 8.68 9.21
N TYR A 47 14.42 8.05 8.08
CA TYR A 47 13.23 8.45 7.33
C TYR A 47 11.97 8.37 8.19
N THR A 48 11.79 7.26 8.93
CA THR A 48 10.64 7.12 9.84
C THR A 48 10.66 8.18 10.95
N LYS A 49 11.86 8.53 11.41
CA LYS A 49 12.02 9.65 12.35
C LYS A 49 11.54 10.99 11.75
N CYS A 50 11.96 11.30 10.52
CA CYS A 50 11.50 12.49 9.78
C CYS A 50 9.98 12.56 9.73
N VAL A 51 9.36 11.43 9.42
CA VAL A 51 7.91 11.38 9.30
C VAL A 51 7.27 11.64 10.67
N SER A 52 7.81 11.01 11.72
CA SER A 52 7.22 11.09 13.07
C SER A 52 7.42 12.46 13.68
N LEU A 53 8.56 13.09 13.38
CA LEU A 53 8.79 14.50 13.72
C LEU A 53 7.72 15.41 13.13
N MET A 54 7.32 15.12 11.88
CA MET A 54 6.28 15.88 11.17
C MET A 54 4.93 15.80 11.88
N ALA A 55 4.64 14.65 12.47
CA ALA A 55 3.41 14.43 13.23
C ALA A 55 3.47 15.06 14.62
N GLY A 56 4.66 15.42 15.06
CA GLY A 56 4.85 15.96 16.41
C GLY A 56 4.76 14.86 17.45
N ALA A 57 5.05 13.62 17.05
CA ALA A 57 4.90 12.48 17.95
C ALA A 57 6.18 12.07 18.65
N VAL A 58 7.33 12.55 18.17
CA VAL A 58 8.64 12.24 18.76
C VAL A 58 9.49 13.50 18.90
N ASN A 59 10.48 13.48 19.80
CA ASN A 59 11.50 14.54 19.85
C ASN A 59 12.74 14.18 19.02
N LYS A 60 13.72 15.08 19.00
CA LYS A 60 14.99 14.83 18.28
C LYS A 60 15.76 13.61 18.78
N LYS A 61 15.50 13.18 20.01
CA LYS A 61 16.15 12.00 20.56
C LYS A 61 15.36 10.70 20.27
N GLY A 62 14.25 10.84 19.56
CA GLY A 62 13.44 9.69 19.15
C GLY A 62 12.56 9.13 20.24
N GLU A 63 12.38 9.90 21.31
CA GLU A 63 11.46 9.53 22.40
C GLU A 63 10.02 9.80 21.99
N PHE A 64 9.23 8.72 21.94
CA PHE A 64 7.82 8.77 21.57
C PHE A 64 6.97 9.24 22.77
N ASN A 65 6.07 10.19 22.50
CA ASN A 65 5.14 10.73 23.49
C ASN A 65 3.72 10.36 23.10
N ALA A 66 3.19 9.31 23.72
CA ALA A 66 1.90 8.75 23.36
C ALA A 66 0.73 9.71 23.62
N PRO A 67 0.70 10.38 24.80
CA PRO A 67 -0.24 11.47 25.02
C PRO A 67 -0.29 12.48 23.87
N LYS A 68 0.87 12.97 23.42
CA LYS A 68 0.86 13.97 22.34
C LYS A 68 0.45 13.33 21.03
N ALA A 69 0.94 12.12 20.77
CA ALA A 69 0.55 11.38 19.57
C ALA A 69 -0.97 11.26 19.49
N LEU A 70 -1.59 10.79 20.58
CA LEU A 70 -3.06 10.68 20.67
C LEU A 70 -3.76 12.02 20.40
N ALA A 71 -3.21 13.10 20.97
CA ALA A 71 -3.75 14.46 20.76
C ALA A 71 -3.65 14.95 19.31
N GLN A 72 -2.72 14.38 18.54
CA GLN A 72 -2.51 14.76 17.15
C GLN A 72 -3.41 14.00 16.19
N LEU A 73 -3.75 12.76 16.53
CA LEU A 73 -4.52 11.88 15.64
C LEU A 73 -5.80 12.46 15.03
N PRO A 74 -6.57 13.27 15.81
CA PRO A 74 -7.79 13.89 15.23
C PRO A 74 -7.60 14.65 13.92
N HIS A 75 -6.45 15.29 13.70
CA HIS A 75 -6.25 15.95 12.40
C HIS A 75 -5.26 15.25 11.46
N LEU A 76 -4.88 14.02 11.79
CA LEU A 76 -3.89 13.26 10.99
C LEU A 76 -4.44 12.02 10.29
N VAL A 77 -5.49 11.41 10.86
CA VAL A 77 -6.08 10.20 10.28
C VAL A 77 -7.62 10.33 10.15
N PRO A 78 -8.25 9.57 9.23
CA PRO A 78 -9.70 9.68 9.08
C PRO A 78 -10.42 8.95 10.23
N PRO A 79 -11.71 9.29 10.46
CA PRO A 79 -12.50 8.60 11.47
C PRO A 79 -12.32 7.09 11.45
N GLU A 80 -12.33 6.49 10.25
CA GLU A 80 -12.26 5.02 10.06
C GLU A 80 -10.98 4.34 10.58
N MET A 81 -9.94 5.13 10.81
CA MET A 81 -8.66 4.55 11.24
C MET A 81 -8.29 4.99 12.66
N MET A 82 -9.23 5.65 13.34
CA MET A 82 -9.00 6.13 14.70
C MET A 82 -8.73 5.05 15.71
N GLU A 83 -9.62 4.05 15.80
CA GLU A 83 -9.47 3.00 16.82
C GLU A 83 -8.17 2.19 16.63
N MET A 84 -7.86 1.87 15.37
CA MET A 84 -6.63 1.17 15.05
C MET A 84 -5.41 1.98 15.46
N SER A 85 -5.45 3.28 15.16
CA SER A 85 -4.32 4.17 15.43
C SER A 85 -4.11 4.37 16.93
N ARG A 86 -5.21 4.59 17.66
CA ARG A 86 -5.15 4.70 19.12
C ARG A 86 -4.59 3.41 19.75
N LYS A 87 -5.04 2.26 19.26
CA LYS A 87 -4.59 0.98 19.81
C LYS A 87 -3.08 0.78 19.60
N SER A 88 -2.59 1.07 18.41
CA SER A 88 -1.17 0.90 18.11
C SER A 88 -0.30 1.86 18.93
N VAL A 89 -0.75 3.11 19.05
CA VAL A 89 -0.02 4.11 19.86
C VAL A 89 0.09 3.66 21.32
N GLU A 90 -1.02 3.17 21.85
CA GLU A 90 -1.08 2.70 23.23
C GLU A 90 -0.19 1.47 23.46
N ALA A 91 -0.29 0.49 22.57
CA ALA A 91 0.53 -0.71 22.63
C ALA A 91 2.04 -0.39 22.57
N CYS A 92 2.39 0.63 21.80
CA CYS A 92 3.79 0.92 21.52
C CYS A 92 4.35 2.16 22.22
N ARG A 93 3.67 2.61 23.28
CA ARG A 93 4.03 3.83 24.01
C ARG A 93 5.44 3.82 24.63
N ASP A 94 5.94 2.63 24.98
CA ASP A 94 7.24 2.49 25.63
C ASP A 94 8.30 1.77 24.80
N THR A 95 7.97 1.44 23.54
CA THR A 95 8.91 0.77 22.63
C THR A 95 10.26 1.47 22.55
N HIS A 96 10.24 2.80 22.45
CA HIS A 96 11.44 3.61 22.28
C HIS A 96 12.43 3.43 23.44
N LYS A 97 11.91 3.01 24.60
CA LYS A 97 12.75 2.80 25.77
C LYS A 97 13.69 1.61 25.64
N GLN A 98 13.34 0.65 24.77
CA GLN A 98 14.16 -0.55 24.56
C GLN A 98 15.35 -0.32 23.63
N PHE A 99 15.43 0.86 23.03
CA PHE A 99 16.44 1.12 22.00
C PHE A 99 17.25 2.37 22.31
N LYS A 100 18.45 2.48 21.73
CA LYS A 100 19.48 3.38 22.22
C LYS A 100 19.95 4.46 21.24
N GLU A 101 19.41 4.47 20.04
CA GLU A 101 19.75 5.46 19.02
C GLU A 101 18.43 6.05 18.50
N SER A 102 18.41 7.35 18.24
CA SER A 102 17.15 8.05 17.96
C SER A 102 16.41 7.52 16.73
N CYS A 103 17.14 7.17 15.67
CA CYS A 103 16.49 6.65 14.46
C CYS A 103 15.93 5.24 14.71
N GLU A 104 16.73 4.37 15.34
CA GLU A 104 16.27 3.03 15.75
C GLU A 104 15.04 3.10 16.66
N ARG A 105 15.01 4.06 17.58
CA ARG A 105 13.88 4.24 18.50
C ARG A 105 12.56 4.47 17.76
N VAL A 106 12.59 5.32 16.74
CA VAL A 106 11.36 5.63 16.00
C VAL A 106 11.01 4.48 15.04
N TYR A 107 12.01 3.91 14.37
CA TYR A 107 11.75 2.81 13.46
C TYR A 107 11.11 1.63 14.21
N GLN A 108 11.66 1.29 15.37
CA GLN A 108 11.08 0.18 16.13
C GLN A 108 9.67 0.49 16.61
N THR A 109 9.40 1.76 16.93
CA THR A 109 8.06 2.20 17.33
C THR A 109 7.07 2.01 16.18
N ALA A 110 7.46 2.43 14.98
CA ALA A 110 6.63 2.27 13.79
C ALA A 110 6.41 0.79 13.45
N LYS A 111 7.47 -0.02 13.58
CA LYS A 111 7.37 -1.47 13.36
C LYS A 111 6.36 -2.08 14.34
N CYS A 112 6.44 -1.66 15.61
CA CYS A 112 5.48 -2.06 16.64
C CYS A 112 4.03 -1.62 16.32
N PHE A 113 3.85 -0.39 15.82
CA PHE A 113 2.52 0.05 15.33
C PHE A 113 1.95 -0.98 14.36
N SER A 114 2.76 -1.38 13.37
CA SER A 114 2.32 -2.30 12.34
C SER A 114 2.02 -3.69 12.89
N GLU A 115 2.72 -4.09 13.95
CA GLU A 115 2.54 -5.41 14.57
C GLU A 115 1.30 -5.42 15.48
N ASN A 116 0.92 -4.24 15.96
CA ASN A 116 -0.25 -4.09 16.81
C ASN A 116 -1.49 -3.55 16.12
N ALA A 117 -1.39 -3.33 14.81
CA ALA A 117 -2.49 -2.78 14.03
C ALA A 117 -3.49 -3.89 13.73
N ASP A 118 -4.75 -3.70 14.13
CA ASP A 118 -5.78 -4.71 13.88
C ASP A 118 -6.28 -4.74 12.43
N GLY A 119 -5.98 -3.69 11.67
CA GLY A 119 -6.35 -3.61 10.26
C GLY A 119 -5.21 -3.29 9.31
N GLN A 120 -5.55 -2.64 8.20
CA GLN A 120 -4.59 -2.14 7.23
C GLN A 120 -3.80 -0.96 7.81
N PHE A 121 -2.58 -1.22 8.22
CA PHE A 121 -1.70 -0.16 8.66
C PHE A 121 -0.96 0.46 7.47
N MET A 122 -0.74 1.77 7.52
CA MET A 122 -0.07 2.48 6.43
C MET A 122 0.96 3.47 6.93
N TRP A 123 2.11 3.52 6.27
CA TRP A 123 3.14 4.51 6.60
C TRP A 123 3.46 5.36 5.37
N PRO A 124 3.59 6.69 5.53
CA PRO A 124 3.96 7.55 4.40
C PRO A 124 5.18 7.05 3.64
N MET B 1 -19.07 -0.67 -2.12
CA MET B 1 -17.64 -0.73 -1.77
C MET B 1 -17.19 0.57 -1.08
N THR B 2 -16.95 0.52 0.23
CA THR B 2 -16.30 1.64 0.91
C THR B 2 -14.80 1.50 0.71
N MET B 3 -14.06 2.59 0.96
CA MET B 3 -12.61 2.56 0.86
C MET B 3 -12.06 1.55 1.87
N GLU B 4 -12.58 1.58 3.11
CA GLU B 4 -12.22 0.59 4.13
C GLU B 4 -12.39 -0.85 3.64
N GLN B 5 -13.50 -1.13 2.97
N GLN B 5 -13.49 -1.12 2.96
CA GLN B 5 -13.77 -2.44 2.37
CA GLN B 5 -13.76 -2.44 2.41
C GLN B 5 -12.78 -2.76 1.29
C GLN B 5 -12.81 -2.78 1.26
N PHE B 6 -12.50 -1.78 0.44
CA PHE B 6 -11.56 -1.93 -0.66
C PHE B 6 -10.15 -2.28 -0.17
N LEU B 7 -9.66 -1.54 0.83
CA LEU B 7 -8.32 -1.77 1.33
C LEU B 7 -8.22 -3.17 1.92
N THR B 8 -9.22 -3.55 2.69
CA THR B 8 -9.33 -4.91 3.23
C THR B 8 -9.35 -5.96 2.11
N SER B 9 -10.04 -5.66 1.00
CA SER B 9 -10.19 -6.62 -0.08
C SER B 9 -8.88 -6.83 -0.84
N LEU B 10 -8.02 -5.81 -0.89
CA LEU B 10 -6.66 -5.97 -1.40
C LEU B 10 -5.91 -7.04 -0.63
N ASP B 11 -6.00 -6.98 0.71
N ASP B 11 -6.01 -7.02 0.69
CA ASP B 11 -5.38 -7.98 1.58
CA ASP B 11 -5.28 -8.02 1.46
C ASP B 11 -5.99 -9.35 1.32
C ASP B 11 -6.00 -9.38 1.58
N MET B 12 -7.32 -9.39 1.37
CA MET B 12 -8.08 -10.63 1.20
C MET B 12 -7.71 -11.35 -0.09
N ILE B 13 -7.61 -10.61 -1.20
CA ILE B 13 -7.25 -11.21 -2.49
C ILE B 13 -5.79 -11.65 -2.50
N ARG B 14 -4.92 -10.83 -1.91
CA ARG B 14 -3.53 -11.21 -1.76
C ARG B 14 -3.40 -12.50 -0.95
N SER B 15 -4.11 -12.57 0.18
N SER B 15 -4.10 -12.56 0.18
CA SER B 15 -4.08 -13.73 1.06
CA SER B 15 -4.11 -13.74 1.05
C SER B 15 -4.52 -15.01 0.33
C SER B 15 -4.48 -14.99 0.28
N GLY B 16 -5.51 -14.88 -0.56
CA GLY B 16 -5.96 -15.98 -1.40
C GLY B 16 -5.03 -16.39 -2.52
N CYS B 17 -4.31 -15.43 -3.11
CA CYS B 17 -3.47 -15.73 -4.28
C CYS B 17 -1.99 -15.95 -3.99
N ALA B 18 -1.39 -15.09 -3.19
CA ALA B 18 0.07 -15.11 -2.96
C ALA B 18 0.66 -16.45 -2.51
N PRO B 19 -0.01 -17.18 -1.60
CA PRO B 19 0.58 -18.44 -1.16
C PRO B 19 0.61 -19.56 -2.23
N LYS B 20 -0.06 -19.36 -3.35
CA LYS B 20 0.02 -20.32 -4.45
C LYS B 20 1.26 -20.10 -5.35
N PHE B 21 2.11 -19.14 -4.97
CA PHE B 21 3.24 -18.72 -5.81
C PHE B 21 4.49 -18.50 -4.98
N LYS B 22 5.63 -18.44 -5.65
CA LYS B 22 6.89 -18.07 -5.02
C LYS B 22 7.14 -16.61 -5.38
N LEU B 23 6.99 -15.74 -4.39
CA LEU B 23 6.97 -14.29 -4.62
C LEU B 23 7.86 -13.51 -3.64
N LYS B 24 8.35 -12.36 -4.09
CA LYS B 24 9.09 -11.47 -3.21
C LYS B 24 8.14 -10.40 -2.68
N THR B 25 8.17 -10.17 -1.37
CA THR B 25 7.35 -9.14 -0.75
C THR B 25 7.63 -7.76 -1.35
N GLU B 26 8.90 -7.50 -1.70
CA GLU B 26 9.27 -6.23 -2.30
C GLU B 26 8.71 -6.04 -3.71
N ASP B 27 8.32 -7.13 -4.37
CA ASP B 27 7.66 -7.08 -5.67
C ASP B 27 6.17 -6.78 -5.45
N LEU B 28 5.53 -7.56 -4.58
CA LEU B 28 4.10 -7.38 -4.28
C LEU B 28 3.76 -5.97 -3.82
N ASP B 29 4.59 -5.39 -2.96
CA ASP B 29 4.27 -4.10 -2.38
C ASP B 29 4.57 -2.95 -3.33
N ARG B 30 5.43 -3.20 -4.31
CA ARG B 30 5.59 -2.27 -5.39
C ARG B 30 4.31 -2.25 -6.25
N LEU B 31 3.81 -3.43 -6.62
CA LEU B 31 2.52 -3.52 -7.34
C LEU B 31 1.36 -2.90 -6.56
N ARG B 32 1.35 -3.11 -5.25
CA ARG B 32 0.26 -2.60 -4.40
C ARG B 32 0.06 -1.10 -4.54
N VAL B 33 1.16 -0.37 -4.63
CA VAL B 33 1.11 1.09 -4.76
C VAL B 33 1.15 1.58 -6.21
N GLY B 34 1.00 0.66 -7.16
CA GLY B 34 0.87 0.98 -8.58
C GLY B 34 2.20 1.14 -9.30
N ASP B 35 3.27 0.62 -8.72
CA ASP B 35 4.58 0.66 -9.35
C ASP B 35 4.87 -0.63 -10.09
N PHE B 36 4.66 -0.61 -11.39
CA PHE B 36 4.89 -1.77 -12.23
C PHE B 36 6.17 -1.62 -13.06
N ASN B 37 7.02 -0.65 -12.69
N ASN B 37 6.99 -0.62 -12.72
CA ASN B 37 8.23 -0.30 -13.46
CA ASN B 37 8.23 -0.33 -13.44
C ASN B 37 9.48 -1.14 -13.13
C ASN B 37 9.41 -1.14 -12.90
N PHE B 38 9.31 -2.46 -13.03
CA PHE B 38 10.43 -3.38 -12.74
C PHE B 38 10.14 -4.71 -13.45
N PRO B 39 11.20 -5.50 -13.74
CA PRO B 39 10.97 -6.77 -14.44
C PRO B 39 10.27 -7.83 -13.59
N PRO B 40 9.10 -8.33 -14.04
CA PRO B 40 8.39 -9.35 -13.27
C PRO B 40 9.02 -10.74 -13.47
N SER B 41 8.86 -11.61 -12.48
CA SER B 41 9.13 -13.03 -12.66
C SER B 41 7.89 -13.67 -13.29
N GLN B 42 7.97 -14.95 -13.66
CA GLN B 42 6.80 -15.66 -14.16
C GLN B 42 5.77 -15.81 -13.04
N ASP B 43 6.24 -16.11 -11.83
CA ASP B 43 5.38 -16.23 -10.65
C ASP B 43 4.59 -14.94 -10.44
N LEU B 44 5.26 -13.81 -10.55
CA LEU B 44 4.62 -12.51 -10.36
C LEU B 44 3.54 -12.21 -11.43
N MET B 45 3.83 -12.54 -12.68
CA MET B 45 2.83 -12.34 -13.73
C MET B 45 1.63 -13.24 -13.52
N CYS B 46 1.86 -14.52 -13.20
CA CYS B 46 0.73 -15.42 -12.98
C CYS B 46 -0.04 -15.09 -11.69
N TYR B 47 0.66 -14.49 -10.73
CA TYR B 47 -0.01 -13.94 -9.55
C TYR B 47 -1.08 -12.91 -9.94
N THR B 48 -0.73 -11.98 -10.84
CA THR B 48 -1.71 -11.00 -11.31
C THR B 48 -2.89 -11.67 -12.01
N LYS B 49 -2.62 -12.79 -12.68
CA LYS B 49 -3.69 -13.53 -13.33
C LYS B 49 -4.65 -14.13 -12.28
N CYS B 50 -4.10 -14.77 -11.24
CA CYS B 50 -4.86 -15.29 -10.10
C CYS B 50 -5.74 -14.22 -9.47
N VAL B 51 -5.13 -13.07 -9.18
CA VAL B 51 -5.81 -11.93 -8.58
C VAL B 51 -7.02 -11.52 -9.42
N SER B 52 -6.81 -11.41 -10.74
CA SER B 52 -7.84 -10.96 -11.68
C SER B 52 -8.94 -12.01 -11.85
N LEU B 53 -8.58 -13.29 -11.80
CA LEU B 53 -9.54 -14.37 -11.79
C LEU B 53 -10.43 -14.29 -10.54
N MET B 54 -9.81 -14.04 -9.40
CA MET B 54 -10.55 -13.91 -8.14
C MET B 54 -11.49 -12.69 -8.16
N ALA B 55 -11.08 -11.62 -8.82
CA ALA B 55 -11.91 -10.44 -8.97
C ALA B 55 -13.02 -10.64 -10.00
N GLY B 56 -12.91 -11.69 -10.80
CA GLY B 56 -13.88 -12.01 -11.85
C GLY B 56 -13.67 -11.23 -13.14
N ALA B 57 -12.52 -10.56 -13.26
CA ALA B 57 -12.27 -9.62 -14.36
C ALA B 57 -11.72 -10.24 -15.64
N VAL B 58 -11.05 -11.38 -15.51
CA VAL B 58 -10.52 -12.08 -16.69
C VAL B 58 -11.04 -13.51 -16.77
N ASN B 59 -10.92 -14.12 -17.95
CA ASN B 59 -11.08 -15.56 -18.08
C ASN B 59 -9.72 -16.27 -17.97
N LYS B 60 -9.70 -17.60 -18.07
CA LYS B 60 -8.45 -18.37 -17.86
C LYS B 60 -7.43 -18.14 -18.98
N LYS B 61 -7.92 -17.68 -20.13
CA LYS B 61 -7.05 -17.28 -21.23
C LYS B 61 -6.37 -15.92 -21.01
N GLY B 62 -6.74 -15.24 -19.91
CA GLY B 62 -6.17 -13.94 -19.58
C GLY B 62 -6.79 -12.76 -20.31
N GLU B 63 -7.92 -13.00 -20.97
CA GLU B 63 -8.61 -11.95 -21.70
C GLU B 63 -9.46 -11.12 -20.75
N PHE B 64 -9.24 -9.81 -20.79
CA PHE B 64 -9.95 -8.86 -19.94
C PHE B 64 -11.37 -8.63 -20.44
N ASN B 65 -12.34 -8.74 -19.52
CA ASN B 65 -13.75 -8.50 -19.85
C ASN B 65 -14.13 -7.10 -19.40
N ALA B 66 -13.90 -6.13 -20.28
CA ALA B 66 -14.10 -4.72 -19.93
C ALA B 66 -15.57 -4.35 -19.67
N PRO B 67 -16.50 -4.80 -20.54
CA PRO B 67 -17.90 -4.52 -20.19
C PRO B 67 -18.33 -5.03 -18.81
N LYS B 68 -17.93 -6.27 -18.47
CA LYS B 68 -18.29 -6.84 -17.17
C LYS B 68 -17.66 -6.06 -16.01
N ALA B 69 -16.38 -5.67 -16.16
CA ALA B 69 -15.68 -4.89 -15.16
C ALA B 69 -16.35 -3.53 -14.94
N LEU B 70 -16.74 -2.88 -16.03
CA LEU B 70 -17.39 -1.57 -15.94
C LEU B 70 -18.80 -1.68 -15.35
N ALA B 71 -19.51 -2.74 -15.73
CA ALA B 71 -20.84 -3.02 -15.18
C ALA B 71 -20.82 -3.31 -13.68
N GLN B 72 -19.80 -4.04 -13.23
CA GLN B 72 -19.66 -4.41 -11.82
C GLN B 72 -18.79 -3.44 -11.00
N LEU B 73 -18.32 -2.35 -11.63
CA LEU B 73 -17.45 -1.35 -10.98
C LEU B 73 -17.72 -1.00 -9.50
N PRO B 74 -18.98 -0.63 -9.16
CA PRO B 74 -19.30 -0.26 -7.77
C PRO B 74 -19.15 -1.38 -6.73
N HIS B 75 -19.04 -2.63 -7.19
CA HIS B 75 -18.81 -3.75 -6.28
C HIS B 75 -17.34 -4.18 -6.30
N LEU B 76 -16.54 -3.46 -7.08
CA LEU B 76 -15.10 -3.73 -7.21
C LEU B 76 -14.24 -2.61 -6.64
N VAL B 77 -14.66 -1.37 -6.86
CA VAL B 77 -13.86 -0.20 -6.44
C VAL B 77 -14.68 0.79 -5.63
N PRO B 78 -14.02 1.51 -4.70
CA PRO B 78 -14.71 2.49 -3.87
C PRO B 78 -15.06 3.75 -4.67
N PRO B 79 -16.01 4.55 -4.15
CA PRO B 79 -16.41 5.73 -4.92
C PRO B 79 -15.27 6.70 -5.19
N GLU B 80 -14.33 6.84 -4.25
CA GLU B 80 -13.18 7.73 -4.47
C GLU B 80 -12.25 7.30 -5.64
N MET B 81 -12.37 6.06 -6.08
CA MET B 81 -11.52 5.56 -7.19
C MET B 81 -12.27 5.30 -8.49
N MET B 82 -13.58 5.53 -8.50
CA MET B 82 -14.42 5.12 -9.64
C MET B 82 -14.09 5.82 -10.95
N GLU B 83 -13.88 7.13 -10.88
CA GLU B 83 -13.65 7.91 -12.09
C GLU B 83 -12.30 7.55 -12.71
N MET B 84 -11.28 7.44 -11.87
CA MET B 84 -9.96 6.96 -12.30
C MET B 84 -10.05 5.56 -12.92
N SER B 85 -10.80 4.66 -12.28
CA SER B 85 -10.91 3.28 -12.74
C SER B 85 -11.57 3.19 -14.11
N ARG B 86 -12.63 3.95 -14.34
CA ARG B 86 -13.25 3.98 -15.67
C ARG B 86 -12.30 4.44 -16.75
N LYS B 87 -11.57 5.52 -16.46
CA LYS B 87 -10.55 6.03 -17.37
C LYS B 87 -9.48 5.00 -17.70
N SER B 88 -8.93 4.35 -16.68
CA SER B 88 -7.91 3.30 -16.84
C SER B 88 -8.38 2.13 -17.68
N VAL B 89 -9.58 1.65 -17.40
CA VAL B 89 -10.18 0.56 -18.18
C VAL B 89 -10.38 0.97 -19.64
N GLU B 90 -10.88 2.20 -19.87
CA GLU B 90 -11.02 2.75 -21.23
C GLU B 90 -9.70 2.66 -21.99
N ALA B 91 -8.61 3.13 -21.37
CA ALA B 91 -7.31 3.18 -22.02
C ALA B 91 -6.67 1.80 -22.21
N CYS B 92 -7.05 0.83 -21.38
CA CYS B 92 -6.35 -0.46 -21.33
C CYS B 92 -7.18 -1.69 -21.72
N ARG B 93 -8.40 -1.47 -22.15
CA ARG B 93 -9.32 -2.59 -22.47
C ARG B 93 -8.83 -3.56 -23.56
N ASP B 94 -7.99 -3.09 -24.47
CA ASP B 94 -7.50 -3.91 -25.58
C ASP B 94 -6.05 -4.35 -25.43
N THR B 95 -5.44 -4.01 -24.29
CA THR B 95 -4.05 -4.41 -24.02
C THR B 95 -3.87 -5.94 -24.16
N HIS B 96 -4.81 -6.73 -23.67
CA HIS B 96 -4.68 -8.19 -23.77
C HIS B 96 -4.56 -8.69 -25.23
N LYS B 97 -4.98 -7.87 -26.18
CA LYS B 97 -4.97 -8.27 -27.60
C LYS B 97 -3.58 -8.18 -28.23
N GLN B 98 -2.65 -7.52 -27.56
CA GLN B 98 -1.27 -7.36 -28.03
C GLN B 98 -0.36 -8.52 -27.61
N PHE B 99 -0.87 -9.39 -26.74
CA PHE B 99 -0.07 -10.49 -26.20
C PHE B 99 -0.78 -11.84 -26.32
N LYS B 100 -0.01 -12.91 -26.29
CA LYS B 100 -0.54 -14.25 -26.44
C LYS B 100 -0.65 -15.05 -25.13
N GLU B 101 0.38 -14.96 -24.29
CA GLU B 101 0.45 -15.72 -23.05
C GLU B 101 -0.55 -15.17 -22.03
N SER B 102 -1.33 -16.06 -21.41
CA SER B 102 -2.39 -15.68 -20.48
C SER B 102 -1.88 -14.79 -19.32
N CYS B 103 -0.79 -15.18 -18.66
CA CYS B 103 -0.21 -14.38 -17.56
C CYS B 103 0.32 -13.01 -18.04
N GLU B 104 0.95 -13.01 -19.21
CA GLU B 104 1.44 -11.78 -19.84
C GLU B 104 0.27 -10.83 -20.17
N ARG B 105 -0.79 -11.36 -20.77
CA ARG B 105 -1.98 -10.55 -21.07
C ARG B 105 -2.48 -9.82 -19.82
N VAL B 106 -2.54 -10.52 -18.70
CA VAL B 106 -3.07 -9.96 -17.47
C VAL B 106 -2.10 -8.96 -16.89
N TYR B 107 -0.83 -9.36 -16.79
CA TYR B 107 0.19 -8.50 -16.21
C TYR B 107 0.31 -7.18 -16.99
N GLN B 108 0.38 -7.27 -18.32
CA GLN B 108 0.48 -6.08 -19.18
C GLN B 108 -0.74 -5.16 -19.07
N THR B 109 -1.91 -5.79 -18.94
CA THR B 109 -3.15 -5.04 -18.71
C THR B 109 -3.06 -4.26 -17.39
N ALA B 110 -2.67 -4.94 -16.30
CA ALA B 110 -2.55 -4.30 -14.99
C ALA B 110 -1.51 -3.16 -15.00
N LYS B 111 -0.38 -3.38 -15.66
CA LYS B 111 0.69 -2.39 -15.86
C LYS B 111 0.16 -1.16 -16.61
N CYS B 112 -0.60 -1.41 -17.67
CA CYS B 112 -1.27 -0.33 -18.40
C CYS B 112 -2.20 0.44 -17.46
N PHE B 113 -3.02 -0.28 -16.69
CA PHE B 113 -3.87 0.38 -15.70
C PHE B 113 -3.04 1.37 -14.87
N SER B 114 -1.91 0.90 -14.34
CA SER B 114 -1.11 1.70 -13.40
C SER B 114 -0.49 2.94 -14.05
N GLU B 115 -0.23 2.87 -15.36
CA GLU B 115 0.34 3.97 -16.14
C GLU B 115 -0.72 4.96 -16.61
N ASN B 116 -1.99 4.57 -16.47
CA ASN B 116 -3.12 5.42 -16.85
C ASN B 116 -4.04 5.69 -15.68
N ALA B 117 -3.44 5.90 -14.51
CA ALA B 117 -4.20 6.12 -13.28
C ALA B 117 -3.68 7.33 -12.51
N ASP B 118 -2.78 8.07 -13.14
CA ASP B 118 -2.09 9.22 -12.51
C ASP B 118 -1.51 8.87 -11.13
N GLY B 119 -0.78 7.76 -11.07
CA GLY B 119 -0.12 7.32 -9.84
C GLY B 119 -1.01 6.97 -8.66
N GLN B 120 -2.30 6.72 -8.91
CA GLN B 120 -3.26 6.40 -7.84
C GLN B 120 -3.80 4.97 -7.90
N PHE B 121 -3.10 4.12 -8.61
CA PHE B 121 -3.56 2.75 -8.85
C PHE B 121 -3.14 1.86 -7.69
N MET B 122 -4.06 1.02 -7.22
CA MET B 122 -3.75 0.01 -6.21
C MET B 122 -4.04 -1.40 -6.70
N TRP B 123 -3.16 -2.35 -6.35
CA TRP B 123 -3.30 -3.74 -6.78
C TRP B 123 -3.20 -4.66 -5.55
N PRO B 124 -4.07 -5.69 -5.45
CA PRO B 124 -3.94 -6.64 -4.33
C PRO B 124 -2.54 -7.24 -4.19
C ACT C . -14.24 9.71 5.16
O ACT C . -13.82 8.94 4.27
OXT ACT C . -15.15 10.49 4.83
CH3 ACT C . -13.69 9.70 6.55
C ACT D . -2.23 4.64 9.56
O ACT D . -1.10 5.18 9.48
OXT ACT D . -2.37 3.55 8.96
CH3 ACT D . -3.35 5.26 10.32
O1 PE8 E . 6.91 20.37 9.49
C2 PE8 E . 7.35 19.70 8.32
C3 PE8 E . 8.46 20.48 7.63
O4 PE8 E . 8.15 20.56 6.25
C5 PE8 E . 8.98 19.72 5.43
C6 PE8 E . 8.34 19.48 4.07
O7 PE8 E . 6.92 19.42 4.19
C8 PE8 E . 6.26 19.11 2.97
C9 PE8 E . 5.29 17.95 3.15
O10 PE8 E . 4.16 18.36 3.91
C11 PE8 E . 3.11 17.37 3.92
C12 PE8 E . 1.92 17.82 4.77
O13 PE8 E . 2.35 18.01 6.12
C14 PE8 E . 1.41 17.54 7.11
C15 PE8 E . 1.72 16.09 7.46
O16 PE8 E . 1.64 15.83 8.87
C17 PE8 E . 2.25 14.58 9.23
C18 PE8 E . 1.20 13.48 9.30
O19 PE8 E . 1.79 12.24 9.72
C20 PE8 E . 0.95 11.14 9.36
C21 PE8 E . 0.78 10.20 10.56
O22 PE8 E . 1.47 8.95 10.34
C23 PE8 E . 0.98 7.94 11.21
C24 PE8 E . 1.79 7.89 12.51
O25 PE8 E . 1.20 8.75 13.50
C ACT F . -20.10 -4.46 -1.77
O ACT F . -18.93 -4.88 -1.81
OXT ACT F . -20.39 -3.57 -2.61
CH3 ACT F . -21.10 -4.98 -0.78
#